data_5D6P
#
_entry.id   5D6P
#
_cell.length_a   144.539
_cell.length_b   55.556
_cell.length_c   51.113
_cell.angle_alpha   90.000
_cell.angle_beta   99.730
_cell.angle_gamma   90.000
#
_symmetry.space_group_name_H-M   'C 1 2 1'
#
loop_
_entity.id
_entity.type
_entity.pdbx_description
1 polymer 'DNA gyrase subunit B'
2 non-polymer 1-ethyl-3-[4-(hydroxymethyl)-5-(1H-pyrrol-2-yl)-1,3-thiazol-2-yl]urea
3 non-polymer (4S)-2-METHYL-2,4-PENTANEDIOL
4 non-polymer GLYCEROL
5 water water
#
_entity_poly.entity_id   1
_entity_poly.type   'polypeptide(L)'
_entity_poly.pdbx_seq_one_letter_code
;GSVTALSDVNNTDNYGAGQIQVLEGLEAVRKRPGMYIGSTSERGLHHLVWEIVDNSIDEALAGYANQIEVVIEKDNWIKV
TDNGRGIPVDIQEKMGRPAVEVILTSSVVNALSQDLEVYVHRNETIYHQAYKKGVPQFDLKEVGTTDKTGTVIRFKADGE
IFTETTVYNYETLQQRIRELAFLNKGIQITLRDERDEENVREDSYHYEGGIK
;
_entity_poly.pdbx_strand_id   A,B
#
# COMPACT_ATOMS: atom_id res chain seq x y z
N ALA A 17 6.15 4.33 -1.07
CA ALA A 17 6.41 3.08 -1.82
C ALA A 17 5.34 2.84 -2.92
N GLY A 18 4.08 2.62 -2.49
CA GLY A 18 2.92 2.51 -3.41
C GLY A 18 2.31 3.84 -3.90
N GLN A 19 2.75 4.97 -3.33
CA GLN A 19 2.43 6.32 -3.86
C GLN A 19 3.19 6.63 -5.19
N ILE A 20 4.38 6.07 -5.34
CA ILE A 20 5.15 6.10 -6.58
C ILE A 20 4.36 5.45 -7.74
N GLN A 21 3.72 4.31 -7.45
CA GLN A 21 2.92 3.57 -8.45
C GLN A 21 1.57 4.23 -8.80
N VAL A 22 0.96 4.93 -7.83
CA VAL A 22 -0.25 5.77 -8.08
C VAL A 22 0.07 6.84 -9.15
N LEU A 23 1.13 7.62 -8.89
CA LEU A 23 1.66 8.68 -9.80
C LEU A 23 1.89 8.21 -11.22
N GLU A 24 2.59 7.09 -11.36
CA GLU A 24 2.89 6.55 -12.68
C GLU A 24 1.64 6.08 -13.42
N GLY A 25 0.63 5.61 -12.67
CA GLY A 25 -0.66 5.21 -13.20
C GLY A 25 -1.41 6.39 -13.82
N LEU A 26 -1.30 7.55 -13.18
CA LEU A 26 -1.91 8.81 -13.66
C LEU A 26 -1.24 9.34 -14.92
N GLU A 27 0.10 9.43 -14.89
CA GLU A 27 0.88 9.74 -16.10
C GLU A 27 0.47 8.82 -17.28
N ALA A 28 0.24 7.54 -17.00
CA ALA A 28 -0.06 6.52 -18.03
C ALA A 28 -1.49 6.65 -18.63
N VAL A 29 -2.45 7.02 -17.78
CA VAL A 29 -3.83 7.30 -18.25
C VAL A 29 -3.84 8.57 -19.14
N ARG A 30 -3.12 9.58 -18.70
CA ARG A 30 -3.14 10.88 -19.36
C ARG A 30 -2.36 10.90 -20.67
N LYS A 31 -1.30 10.09 -20.79
CA LYS A 31 -0.58 9.94 -22.06
C LYS A 31 -1.35 9.12 -23.12
N ARG A 32 -2.08 8.07 -22.71
CA ARG A 32 -2.82 7.21 -23.68
C ARG A 32 -4.31 7.01 -23.38
N PRO A 33 -5.07 8.13 -23.25
CA PRO A 33 -6.46 8.13 -22.81
C PRO A 33 -7.41 7.26 -23.59
N GLY A 34 -7.28 7.28 -24.92
CA GLY A 34 -8.08 6.45 -25.80
C GLY A 34 -7.96 4.96 -25.56
N MET A 35 -6.79 4.51 -25.07
CA MET A 35 -6.61 3.11 -24.63
C MET A 35 -7.51 2.72 -23.44
N TYR A 36 -7.83 3.70 -22.57
CA TYR A 36 -8.73 3.49 -21.44
C TYR A 36 -10.20 3.74 -21.73
N ILE A 37 -10.53 4.80 -22.47
CA ILE A 37 -11.95 5.22 -22.61
C ILE A 37 -12.52 5.14 -24.04
N GLY A 38 -11.76 4.56 -24.97
CA GLY A 38 -12.24 4.38 -26.35
C GLY A 38 -11.69 5.44 -27.30
N SER A 39 -11.77 6.69 -26.86
CA SER A 39 -11.43 7.88 -27.67
C SER A 39 -11.45 9.10 -26.77
N THR A 40 -11.05 10.24 -27.32
CA THR A 40 -11.17 11.52 -26.62
C THR A 40 -12.20 12.45 -27.27
N SER A 41 -13.00 11.89 -28.17
CA SER A 41 -14.10 12.58 -28.87
C SER A 41 -15.31 12.76 -27.94
N GLU A 42 -16.45 13.20 -28.49
CA GLU A 42 -17.71 13.29 -27.72
C GLU A 42 -18.11 11.98 -27.04
N ARG A 43 -17.87 10.85 -27.71
CA ARG A 43 -18.18 9.55 -27.14
C ARG A 43 -17.44 9.29 -25.84
N GLY A 44 -16.14 9.56 -25.80
CA GLY A 44 -15.32 9.34 -24.64
C GLY A 44 -15.63 10.31 -23.52
N LEU A 45 -16.07 11.51 -23.89
CA LEU A 45 -16.54 12.51 -22.91
C LEU A 45 -17.72 11.93 -22.09
N HIS A 46 -18.73 11.42 -22.79
CA HIS A 46 -19.88 10.79 -22.18
C HIS A 46 -19.55 9.50 -21.45
N HIS A 47 -18.52 8.79 -21.92
CA HIS A 47 -18.05 7.55 -21.25
C HIS A 47 -17.61 7.81 -19.79
N LEU A 48 -17.08 8.99 -19.49
CA LEU A 48 -16.78 9.39 -18.11
C LEU A 48 -18.00 9.28 -17.15
N VAL A 49 -19.16 9.75 -17.61
CA VAL A 49 -20.40 9.63 -16.88
C VAL A 49 -20.75 8.16 -16.60
N TRP A 50 -20.73 7.34 -17.66
CA TRP A 50 -20.98 5.88 -17.55
C TRP A 50 -20.11 5.16 -16.57
N GLU A 51 -18.83 5.50 -16.53
CA GLU A 51 -17.89 4.96 -15.54
C GLU A 51 -18.29 5.26 -14.10
N ILE A 52 -18.82 6.46 -13.86
CA ILE A 52 -19.25 6.83 -12.52
C ILE A 52 -20.59 6.19 -12.21
N VAL A 53 -21.49 6.30 -13.18
CA VAL A 53 -22.83 5.73 -13.05
C VAL A 53 -22.81 4.21 -12.79
N ASP A 54 -21.98 3.47 -13.50
CA ASP A 54 -21.82 2.02 -13.25
C ASP A 54 -21.41 1.63 -11.83
N ASN A 55 -20.63 2.45 -11.15
CA ASN A 55 -20.30 2.17 -9.74
C ASN A 55 -21.55 2.31 -8.81
N SER A 56 -22.33 3.34 -9.08
CA SER A 56 -23.63 3.49 -8.47
C SER A 56 -24.59 2.32 -8.76
N ILE A 57 -24.61 1.84 -9.98
CA ILE A 57 -25.45 0.69 -10.30
C ILE A 57 -25.02 -0.59 -9.54
N ASP A 58 -23.70 -0.85 -9.42
CA ASP A 58 -23.20 -2.01 -8.64
C ASP A 58 -23.66 -1.93 -7.19
N GLU A 59 -23.49 -0.76 -6.58
CA GLU A 59 -24.02 -0.48 -5.24
C GLU A 59 -25.51 -0.81 -5.08
N ALA A 60 -26.33 -0.50 -6.10
CA ALA A 60 -27.78 -0.82 -6.09
C ALA A 60 -27.98 -2.33 -6.22
N LEU A 61 -27.22 -2.93 -7.10
CA LEU A 61 -27.22 -4.38 -7.30
C LEU A 61 -26.80 -5.19 -6.05
N ALA A 62 -25.83 -4.67 -5.27
CA ALA A 62 -25.42 -5.29 -4.01
C ALA A 62 -26.48 -5.21 -2.92
N GLY A 63 -27.49 -4.37 -3.13
CA GLY A 63 -28.65 -4.20 -2.28
C GLY A 63 -28.71 -2.89 -1.51
N TYR A 64 -27.77 -1.96 -1.74
CA TYR A 64 -27.57 -0.86 -0.78
C TYR A 64 -28.04 0.54 -1.22
N ALA A 65 -28.38 0.70 -2.50
CA ALA A 65 -28.84 1.97 -3.10
C ALA A 65 -30.12 1.73 -3.89
N ASN A 66 -31.02 2.71 -4.00
CA ASN A 66 -32.21 2.62 -4.90
C ASN A 66 -32.46 3.94 -5.68
N GLN A 67 -31.52 4.88 -5.64
CA GLN A 67 -31.69 6.22 -6.23
C GLN A 67 -30.36 6.74 -6.73
N ILE A 68 -30.30 7.15 -7.99
CA ILE A 68 -29.09 7.72 -8.58
C ILE A 68 -29.57 9.01 -9.26
N GLU A 69 -28.75 10.04 -9.18
CA GLU A 69 -29.11 11.34 -9.76
C GLU A 69 -27.90 11.81 -10.52
N VAL A 70 -28.13 12.20 -11.79
CA VAL A 70 -27.14 12.75 -12.66
C VAL A 70 -27.62 14.18 -12.99
N VAL A 71 -26.77 15.17 -12.65
CA VAL A 71 -27.01 16.59 -12.90
C VAL A 71 -25.92 17.16 -13.83
N ILE A 72 -26.34 17.78 -14.94
CA ILE A 72 -25.43 18.56 -15.80
C ILE A 72 -25.54 19.97 -15.19
N GLU A 73 -24.49 20.36 -14.54
CA GLU A 73 -24.40 21.67 -13.93
C GLU A 73 -23.79 22.71 -14.86
N LYS A 74 -23.87 23.96 -14.42
CA LYS A 74 -23.24 25.09 -15.08
C LYS A 74 -21.78 24.78 -15.44
N ASP A 75 -21.38 25.15 -16.64
CA ASP A 75 -20.00 25.00 -17.16
C ASP A 75 -19.67 23.56 -17.54
N ASN A 76 -20.71 22.75 -17.75
CA ASN A 76 -20.54 21.31 -18.02
C ASN A 76 -19.72 20.49 -17.00
N TRP A 77 -19.94 20.84 -15.73
CA TRP A 77 -19.68 19.96 -14.62
C TRP A 77 -20.76 18.90 -14.65
N ILE A 78 -20.38 17.69 -14.23
CA ILE A 78 -21.34 16.62 -13.97
C ILE A 78 -21.30 16.30 -12.46
N LYS A 79 -22.47 16.07 -11.88
CA LYS A 79 -22.59 15.56 -10.51
C LYS A 79 -23.40 14.28 -10.52
N VAL A 80 -22.80 13.22 -9.99
CA VAL A 80 -23.47 11.92 -9.81
C VAL A 80 -23.56 11.67 -8.30
N THR A 81 -24.77 11.33 -7.86
CA THR A 81 -25.10 11.10 -6.48
C THR A 81 -25.83 9.74 -6.43
N ASP A 82 -25.49 8.90 -5.44
CA ASP A 82 -26.31 7.73 -5.07
C ASP A 82 -26.55 7.70 -3.58
N ASN A 83 -27.48 6.85 -3.15
CA ASN A 83 -27.81 6.73 -1.72
C ASN A 83 -27.39 5.39 -1.11
N GLY A 84 -26.21 4.89 -1.51
CA GLY A 84 -25.70 3.66 -1.00
C GLY A 84 -24.90 3.91 0.25
N ARG A 85 -23.92 3.06 0.49
CA ARG A 85 -23.22 3.03 1.78
C ARG A 85 -22.17 4.08 1.95
N GLY A 86 -21.71 4.68 0.84
CA GLY A 86 -20.61 5.63 0.91
C GLY A 86 -19.32 4.90 0.62
N ILE A 87 -18.49 5.49 -0.24
CA ILE A 87 -17.17 4.95 -0.43
C ILE A 87 -16.46 4.90 0.95
N PRO A 88 -15.80 3.77 1.27
CA PRO A 88 -15.12 3.62 2.56
C PRO A 88 -14.04 4.64 2.81
N VAL A 89 -13.85 4.98 4.07
CA VAL A 89 -12.91 6.03 4.44
C VAL A 89 -11.78 5.53 5.34
N ASP A 90 -11.81 4.23 5.70
CA ASP A 90 -10.85 3.65 6.63
C ASP A 90 -9.46 3.65 6.01
N ILE A 91 -8.46 3.77 6.89
CA ILE A 91 -7.06 3.81 6.50
C ILE A 91 -6.63 2.44 6.00
N GLN A 92 -6.25 2.36 4.72
CA GLN A 92 -5.53 1.22 4.19
C GLN A 92 -4.21 1.10 4.96
N GLU A 93 -3.86 -0.11 5.41
CA GLU A 93 -2.61 -0.33 6.14
C GLU A 93 -1.43 -0.22 5.20
N LYS A 94 -1.61 -0.75 4.00
CA LYS A 94 -0.54 -0.85 3.02
C LYS A 94 -0.24 0.43 2.23
N MET A 95 -1.11 1.45 2.32
CA MET A 95 -0.80 2.82 1.79
C MET A 95 -0.66 3.87 2.92
N GLY A 96 -1.28 3.62 4.08
CA GLY A 96 -1.46 4.66 5.10
C GLY A 96 -2.53 5.69 4.78
N ARG A 97 -3.24 5.55 3.64
CA ARG A 97 -4.20 6.54 3.10
C ARG A 97 -5.62 5.99 3.15
N PRO A 98 -6.62 6.90 3.26
CA PRO A 98 -8.01 6.42 3.31
C PRO A 98 -8.41 5.71 2.02
N ALA A 99 -9.21 4.67 2.16
CA ALA A 99 -9.66 3.88 1.05
C ALA A 99 -10.16 4.76 -0.10
N VAL A 100 -10.99 5.79 0.23
CA VAL A 100 -11.57 6.62 -0.78
C VAL A 100 -10.55 7.35 -1.65
N GLU A 101 -9.49 7.83 -1.02
CA GLU A 101 -8.38 8.41 -1.75
C GLU A 101 -7.71 7.38 -2.67
N VAL A 102 -7.49 6.18 -2.15
CA VAL A 102 -6.80 5.12 -2.95
C VAL A 102 -7.60 4.77 -4.23
N ILE A 103 -8.93 4.60 -4.10
CA ILE A 103 -9.85 4.27 -5.18
C ILE A 103 -9.90 5.39 -6.22
N LEU A 104 -9.97 6.62 -5.73
CA LEU A 104 -9.98 7.81 -6.58
C LEU A 104 -8.65 8.19 -7.23
N THR A 105 -7.54 7.95 -6.57
CA THR A 105 -6.24 8.16 -7.23
C THR A 105 -5.82 7.04 -8.17
N SER A 106 -6.66 5.98 -8.26
CA SER A 106 -6.51 5.09 -9.45
C SER A 106 -7.73 5.13 -10.39
N SER A 107 -8.56 6.18 -10.34
CA SER A 107 -9.73 6.30 -11.22
C SER A 107 -9.28 6.93 -12.52
N VAL A 108 -9.67 6.34 -13.66
CA VAL A 108 -9.54 7.01 -15.00
C VAL A 108 -10.30 8.35 -15.10
N VAL A 109 -11.55 8.39 -14.58
CA VAL A 109 -12.33 9.63 -14.63
C VAL A 109 -11.54 10.77 -14.00
N ASN A 110 -11.07 10.54 -12.78
CA ASN A 110 -10.31 11.53 -11.99
C ASN A 110 -9.08 11.96 -12.73
N ALA A 111 -8.33 11.00 -13.26
CA ALA A 111 -7.09 11.33 -14.04
C ALA A 111 -7.35 12.21 -15.26
N LEU A 112 -8.50 12.01 -15.89
CA LEU A 112 -8.93 12.78 -17.08
C LEU A 112 -9.87 13.96 -16.77
N SER A 113 -9.99 14.32 -15.50
CA SER A 113 -10.75 15.47 -15.05
C SER A 113 -9.76 16.57 -14.62
N GLN A 114 -9.90 17.78 -15.18
CA GLN A 114 -9.11 18.96 -14.63
C GLN A 114 -9.42 19.23 -13.17
N ASP A 115 -10.67 18.94 -12.73
CA ASP A 115 -11.05 18.95 -11.31
C ASP A 115 -12.11 17.89 -11.03
N LEU A 116 -12.16 17.45 -9.79
CA LEU A 116 -13.13 16.46 -9.36
C LEU A 116 -13.21 16.57 -7.84
N GLU A 117 -14.39 16.43 -7.29
CA GLU A 117 -14.43 16.23 -5.86
C GLU A 117 -15.39 15.13 -5.48
N VAL A 118 -15.28 14.73 -4.22
CA VAL A 118 -16.05 13.67 -3.67
C VAL A 118 -16.57 14.15 -2.34
N TYR A 119 -17.85 13.92 -2.13
CA TYR A 119 -18.41 13.95 -0.80
C TYR A 119 -18.86 12.54 -0.46
N VAL A 120 -18.50 12.06 0.73
CA VAL A 120 -19.04 10.76 1.25
C VAL A 120 -19.84 10.99 2.51
N HIS A 121 -21.10 10.54 2.51
CA HIS A 121 -21.94 10.45 3.68
C HIS A 121 -21.86 9.01 4.23
N ARG A 122 -21.26 8.86 5.41
CA ARG A 122 -21.00 7.57 6.02
C ARG A 122 -20.65 7.83 7.51
N ASN A 123 -21.07 6.97 8.44
CA ASN A 123 -20.65 7.08 9.87
C ASN A 123 -21.21 8.38 10.47
N GLU A 124 -22.41 8.79 10.03
CA GLU A 124 -23.02 10.06 10.37
C GLU A 124 -22.17 11.32 10.05
N THR A 125 -21.25 11.21 9.08
CA THR A 125 -20.28 12.23 8.82
C THR A 125 -20.25 12.51 7.36
N ILE A 126 -19.99 13.77 6.99
CA ILE A 126 -19.78 14.12 5.58
C ILE A 126 -18.24 14.31 5.44
N TYR A 127 -17.59 13.57 4.53
CA TYR A 127 -16.15 13.71 4.26
C TYR A 127 -16.01 14.28 2.90
N HIS A 128 -14.94 15.01 2.72
CA HIS A 128 -14.73 15.70 1.45
C HIS A 128 -13.26 15.62 0.98
N GLN A 129 -13.04 15.43 -0.32
CA GLN A 129 -11.71 15.55 -0.89
C GLN A 129 -11.81 16.07 -2.28
N ALA A 130 -10.79 16.81 -2.73
CA ALA A 130 -10.70 17.31 -4.10
C ALA A 130 -9.36 16.97 -4.74
N TYR A 131 -9.38 16.93 -6.08
CA TYR A 131 -8.28 16.48 -6.90
C TYR A 131 -8.19 17.36 -8.13
N LYS A 132 -7.00 17.42 -8.69
CA LYS A 132 -6.83 17.89 -10.05
C LYS A 132 -5.94 16.95 -10.81
N LYS A 133 -6.43 16.50 -11.96
CA LYS A 133 -5.77 15.46 -12.76
C LYS A 133 -5.38 14.26 -11.89
N GLY A 134 -6.30 13.83 -11.03
CA GLY A 134 -6.05 12.71 -10.12
C GLY A 134 -5.29 12.98 -8.84
N VAL A 135 -4.64 14.14 -8.73
CA VAL A 135 -3.78 14.45 -7.62
C VAL A 135 -4.58 15.09 -6.48
N PRO A 136 -4.58 14.50 -5.28
CA PRO A 136 -5.29 15.13 -4.17
C PRO A 136 -4.77 16.53 -3.88
N GLN A 137 -5.69 17.48 -3.68
CA GLN A 137 -5.34 18.85 -3.33
C GLN A 137 -5.24 19.04 -1.82
N PHE A 138 -5.68 18.05 -1.03
CA PHE A 138 -5.64 18.13 0.44
C PHE A 138 -6.05 16.76 0.96
N ASP A 139 -5.82 16.51 2.25
CA ASP A 139 -6.20 15.25 2.88
C ASP A 139 -7.72 15.21 3.00
N LEU A 140 -8.28 14.00 2.95
CA LEU A 140 -9.73 13.82 3.17
C LEU A 140 -10.06 14.54 4.45
N LYS A 141 -11.13 15.33 4.46
CA LYS A 141 -11.49 16.21 5.60
C LYS A 141 -12.94 15.95 6.01
N GLU A 142 -13.21 15.76 7.31
CA GLU A 142 -14.60 15.84 7.80
C GLU A 142 -15.15 17.31 7.72
N VAL A 143 -16.30 17.51 7.05
CA VAL A 143 -16.88 18.86 6.81
C VAL A 143 -18.30 19.05 7.35
N GLY A 144 -18.94 17.99 7.82
CA GLY A 144 -20.29 18.11 8.27
C GLY A 144 -20.81 16.83 8.85
N THR A 145 -22.08 16.86 9.24
CA THR A 145 -22.78 15.68 9.76
C THR A 145 -23.96 15.37 8.89
N THR A 146 -24.43 14.10 8.96
CA THR A 146 -25.53 13.62 8.18
C THR A 146 -26.25 12.41 8.85
N ASP A 147 -27.51 12.25 8.49
CA ASP A 147 -28.30 11.08 8.84
C ASP A 147 -28.63 10.26 7.59
N LYS A 148 -27.99 10.60 6.45
CA LYS A 148 -28.00 9.79 5.23
C LYS A 148 -26.64 9.17 4.98
N THR A 149 -26.63 8.18 4.09
CA THR A 149 -25.40 7.65 3.55
C THR A 149 -25.44 7.75 2.06
N GLY A 150 -24.26 7.83 1.48
CA GLY A 150 -24.10 7.75 0.03
C GLY A 150 -22.90 8.48 -0.49
N THR A 151 -22.87 8.67 -1.82
CA THR A 151 -21.68 9.23 -2.47
C THR A 151 -22.05 10.23 -3.50
N VAL A 152 -21.31 11.34 -3.45
CA VAL A 152 -21.48 12.38 -4.46
C VAL A 152 -20.12 12.54 -5.14
N ILE A 153 -20.11 12.52 -6.46
CA ILE A 153 -18.90 12.84 -7.24
C ILE A 153 -19.30 13.96 -8.22
N ARG A 154 -18.57 15.07 -8.19
CA ARG A 154 -18.66 16.07 -9.26
C ARG A 154 -17.32 16.29 -9.92
N PHE A 155 -17.34 16.42 -11.23
CA PHE A 155 -16.11 16.51 -11.98
C PHE A 155 -16.29 17.33 -13.26
N LYS A 156 -15.18 17.96 -13.63
CA LYS A 156 -15.07 18.76 -14.83
C LYS A 156 -14.04 18.11 -15.78
N ALA A 157 -14.53 17.58 -16.92
CA ALA A 157 -13.71 16.93 -17.92
C ALA A 157 -12.53 17.81 -18.28
N ASP A 158 -11.37 17.20 -18.48
CA ASP A 158 -10.13 17.98 -18.85
C ASP A 158 -10.17 18.40 -20.32
N GLY A 159 -10.25 19.71 -20.59
CA GLY A 159 -10.23 20.26 -21.98
C GLY A 159 -8.98 19.89 -22.76
N GLU A 160 -7.85 19.77 -22.03
CA GLU A 160 -6.52 19.30 -22.54
C GLU A 160 -6.49 17.86 -23.10
N ILE A 161 -7.35 16.99 -22.58
CA ILE A 161 -7.60 15.62 -23.12
C ILE A 161 -8.75 15.63 -24.18
N PHE A 162 -9.92 16.19 -23.81
CA PHE A 162 -11.11 16.21 -24.65
C PHE A 162 -11.13 17.49 -25.50
N THR A 163 -10.35 17.42 -26.59
CA THR A 163 -10.09 18.60 -27.43
C THR A 163 -11.15 18.94 -28.46
N GLU A 164 -12.02 17.99 -28.80
CA GLU A 164 -13.15 18.26 -29.71
C GLU A 164 -14.28 19.01 -29.02
N THR A 165 -14.88 18.39 -28.00
CA THR A 165 -15.89 19.07 -27.20
C THR A 165 -15.84 18.69 -25.71
N THR A 166 -16.22 19.63 -24.84
CA THR A 166 -16.48 19.33 -23.41
C THR A 166 -17.95 19.68 -23.03
N VAL A 167 -18.84 19.64 -24.05
CA VAL A 167 -20.27 19.98 -23.88
C VAL A 167 -21.07 18.68 -24.01
N TYR A 168 -21.80 18.33 -22.95
CA TYR A 168 -22.65 17.16 -22.96
C TYR A 168 -23.95 17.41 -23.71
N ASN A 169 -24.56 16.30 -24.10
CA ASN A 169 -25.72 16.22 -24.91
C ASN A 169 -26.82 15.53 -24.09
N TYR A 170 -27.87 16.30 -23.75
CA TYR A 170 -28.94 15.86 -22.86
C TYR A 170 -29.58 14.58 -23.38
N GLU A 171 -29.93 14.54 -24.67
CA GLU A 171 -30.59 13.31 -25.24
C GLU A 171 -29.65 12.06 -25.21
N THR A 172 -28.37 12.26 -25.50
CA THR A 172 -27.34 11.19 -25.33
C THR A 172 -27.38 10.64 -23.90
N LEU A 173 -27.31 11.53 -22.91
CA LEU A 173 -27.48 11.11 -21.51
C LEU A 173 -28.84 10.46 -21.15
N GLN A 174 -29.90 11.07 -21.62
CA GLN A 174 -31.24 10.62 -21.33
C GLN A 174 -31.53 9.23 -21.86
N GLN A 175 -31.21 8.97 -23.13
CA GLN A 175 -31.42 7.65 -23.77
CA GLN A 175 -31.51 7.63 -23.71
C GLN A 175 -30.70 6.54 -22.99
N ARG A 176 -29.46 6.80 -22.61
CA ARG A 176 -28.71 5.78 -21.87
C ARG A 176 -29.18 5.62 -20.43
N ILE A 177 -29.65 6.73 -19.81
CA ILE A 177 -30.16 6.65 -18.44
C ILE A 177 -31.47 5.85 -18.40
N ARG A 178 -32.34 6.11 -19.35
CA ARG A 178 -33.62 5.39 -19.46
C ARG A 178 -33.41 3.86 -19.67
N GLU A 179 -32.47 3.54 -20.54
CA GLU A 179 -32.06 2.13 -20.81
C GLU A 179 -31.42 1.45 -19.56
N LEU A 180 -30.58 2.16 -18.81
CA LEU A 180 -30.04 1.65 -17.52
C LEU A 180 -31.13 1.41 -16.49
N ALA A 181 -32.04 2.38 -16.30
CA ALA A 181 -33.21 2.18 -15.45
C ALA A 181 -34.12 0.99 -15.89
N PHE A 182 -34.30 0.81 -17.18
CA PHE A 182 -35.07 -0.32 -17.72
C PHE A 182 -34.37 -1.66 -17.51
N LEU A 183 -33.07 -1.67 -17.74
CA LEU A 183 -32.24 -2.91 -17.56
C LEU A 183 -32.01 -3.31 -16.09
N ASN A 184 -32.07 -2.34 -15.17
CA ASN A 184 -31.78 -2.52 -13.74
C ASN A 184 -33.02 -2.08 -12.97
N LYS A 185 -34.07 -2.88 -13.06
CA LYS A 185 -35.38 -2.52 -12.47
C LYS A 185 -35.36 -2.30 -10.95
N GLY A 186 -36.16 -1.37 -10.46
CA GLY A 186 -36.12 -1.04 -9.04
C GLY A 186 -35.21 0.14 -8.69
N ILE A 187 -34.39 0.62 -9.64
CA ILE A 187 -33.56 1.79 -9.34
C ILE A 187 -34.19 3.02 -9.98
N GLN A 188 -34.30 4.09 -9.20
CA GLN A 188 -34.74 5.34 -9.72
C GLN A 188 -33.54 6.14 -10.17
N ILE A 189 -33.51 6.52 -11.46
CA ILE A 189 -32.40 7.26 -12.07
C ILE A 189 -32.98 8.48 -12.73
N THR A 190 -32.44 9.59 -12.29
CA THR A 190 -32.96 10.90 -12.53
C THR A 190 -31.88 11.71 -13.25
N LEU A 191 -32.24 12.34 -14.35
CA LEU A 191 -31.32 13.22 -15.09
C LEU A 191 -31.91 14.61 -14.98
N ARG A 192 -31.06 15.59 -14.69
CA ARG A 192 -31.45 16.98 -14.62
C ARG A 192 -30.41 17.84 -15.38
N ASP A 193 -30.90 18.77 -16.22
CA ASP A 193 -30.06 19.78 -16.87
C ASP A 193 -30.26 21.15 -16.24
N GLU A 194 -29.22 21.67 -15.58
CA GLU A 194 -29.17 22.98 -14.90
C GLU A 194 -28.24 23.99 -15.50
N ARG A 195 -27.66 23.69 -16.67
CA ARG A 195 -26.80 24.63 -17.33
C ARG A 195 -27.54 25.97 -17.62
N ASP A 196 -28.84 25.90 -17.98
CA ASP A 196 -29.67 27.10 -18.16
C ASP A 196 -30.61 27.28 -16.96
N GLU A 197 -30.18 28.10 -16.00
CA GLU A 197 -30.97 28.51 -14.82
C GLU A 197 -32.44 28.91 -15.08
N GLU A 198 -32.73 29.47 -16.26
CA GLU A 198 -34.07 29.95 -16.58
C GLU A 198 -34.97 28.85 -17.14
N ASN A 199 -34.36 27.77 -17.63
CA ASN A 199 -35.12 26.61 -18.09
C ASN A 199 -34.46 25.29 -17.67
N VAL A 200 -34.87 24.78 -16.51
CA VAL A 200 -34.33 23.56 -15.99
C VAL A 200 -35.20 22.37 -16.46
N ARG A 201 -34.54 21.35 -17.01
CA ARG A 201 -35.23 20.12 -17.46
C ARG A 201 -34.84 18.91 -16.65
N GLU A 202 -35.81 18.03 -16.41
CA GLU A 202 -35.58 16.83 -15.60
C GLU A 202 -36.39 15.67 -16.16
N ASP A 203 -35.76 14.51 -16.29
CA ASP A 203 -36.42 13.26 -16.65
C ASP A 203 -36.01 12.23 -15.62
N SER A 204 -37.02 11.55 -15.07
CA SER A 204 -36.87 10.61 -13.99
C SER A 204 -37.48 9.23 -14.32
N TYR A 205 -36.64 8.19 -14.25
CA TYR A 205 -36.98 6.85 -14.71
C TYR A 205 -36.93 5.88 -13.53
N HIS A 206 -37.97 5.05 -13.42
CA HIS A 206 -38.10 4.11 -12.35
C HIS A 206 -39.04 3.00 -12.77
N TYR A 207 -38.45 1.92 -13.26
CA TYR A 207 -39.18 0.71 -13.70
C TYR A 207 -39.41 -0.23 -12.50
N GLU A 208 -40.63 -0.80 -12.43
CA GLU A 208 -41.21 -1.35 -11.18
C GLU A 208 -40.87 -0.52 -9.92
N GLN B 21 -5.06 -6.10 14.12
CA GLN B 21 -4.39 -4.87 13.58
C GLN B 21 -2.89 -5.08 13.25
N VAL B 22 -2.14 -5.60 14.23
CA VAL B 22 -0.77 -6.13 14.03
C VAL B 22 -0.83 -7.53 13.36
N LEU B 23 -1.80 -8.35 13.81
CA LEU B 23 -2.14 -9.63 13.15
C LEU B 23 -2.80 -9.43 11.76
N GLU B 24 -3.33 -8.23 11.53
CA GLU B 24 -3.92 -7.83 10.25
C GLU B 24 -2.86 -7.31 9.27
N GLY B 25 -1.82 -6.68 9.78
CA GLY B 25 -0.72 -6.18 8.93
C GLY B 25 0.16 -7.30 8.39
N LEU B 26 0.44 -8.28 9.23
CA LEU B 26 1.31 -9.41 8.86
C LEU B 26 0.73 -10.28 7.74
N GLU B 27 -0.60 -10.48 7.81
CA GLU B 27 -1.38 -11.31 6.84
C GLU B 27 -1.26 -10.72 5.43
N ALA B 28 -1.24 -9.38 5.32
CA ALA B 28 -1.13 -8.71 4.02
C ALA B 28 0.14 -9.13 3.35
N VAL B 29 1.27 -8.96 4.05
CA VAL B 29 2.62 -9.29 3.55
C VAL B 29 2.70 -10.77 3.09
N ARG B 30 2.23 -11.69 3.91
CA ARG B 30 2.26 -13.14 3.54
C ARG B 30 1.36 -13.54 2.34
N LYS B 31 0.20 -12.91 2.22
CA LYS B 31 -0.67 -13.13 1.06
C LYS B 31 -0.14 -12.40 -0.18
N ARG B 32 0.37 -11.16 -0.01
CA ARG B 32 0.77 -10.33 -1.17
C ARG B 32 2.22 -9.78 -1.10
N PRO B 33 3.23 -10.70 -0.97
CA PRO B 33 4.66 -10.39 -0.71
C PRO B 33 5.41 -9.57 -1.76
N GLY B 34 5.07 -9.80 -3.03
CA GLY B 34 5.61 -9.02 -4.15
C GLY B 34 5.41 -7.54 -3.91
N MET B 35 4.22 -7.20 -3.40
CA MET B 35 3.86 -5.83 -3.05
C MET B 35 4.84 -5.15 -2.05
N TYR B 36 5.49 -5.93 -1.16
CA TYR B 36 6.38 -5.42 -0.08
C TYR B 36 7.90 -5.61 -0.30
N ILE B 37 8.32 -6.70 -0.94
CA ILE B 37 9.79 -6.91 -1.23
C ILE B 37 10.24 -6.81 -2.69
N GLY B 38 9.31 -6.97 -3.63
CA GLY B 38 9.61 -6.90 -5.07
C GLY B 38 9.21 -8.24 -5.65
N SER B 39 10.14 -9.18 -5.62
CA SER B 39 9.91 -10.52 -6.15
C SER B 39 9.84 -11.47 -4.99
N THR B 40 9.39 -12.69 -5.24
CA THR B 40 9.62 -13.82 -4.33
C THR B 40 10.60 -14.84 -4.93
N SER B 41 11.53 -14.33 -5.72
CA SER B 41 12.53 -15.12 -6.45
C SER B 41 13.88 -14.94 -5.70
N GLU B 42 15.00 -15.33 -6.33
CA GLU B 42 16.36 -15.16 -5.74
C GLU B 42 16.69 -13.77 -5.20
N ARG B 43 16.51 -12.76 -6.03
CA ARG B 43 16.57 -11.35 -5.57
C ARG B 43 15.79 -11.02 -4.29
N GLY B 44 14.57 -11.52 -4.19
CA GLY B 44 13.65 -11.24 -3.08
C GLY B 44 14.15 -11.93 -1.83
N LEU B 45 14.59 -13.19 -2.01
CA LEU B 45 15.21 -13.97 -0.93
C LEU B 45 16.41 -13.24 -0.30
N HIS B 46 17.27 -12.75 -1.17
CA HIS B 46 18.44 -12.00 -0.70
C HIS B 46 18.07 -10.66 -0.07
N HIS B 47 16.94 -10.07 -0.49
CA HIS B 47 16.48 -8.82 0.05
C HIS B 47 16.18 -8.94 1.57
N LEU B 48 15.75 -10.13 2.02
CA LEU B 48 15.51 -10.42 3.46
C LEU B 48 16.75 -10.17 4.33
N VAL B 49 17.90 -10.67 3.87
CA VAL B 49 19.20 -10.39 4.49
C VAL B 49 19.57 -8.89 4.53
N TRP B 50 19.39 -8.20 3.40
CA TRP B 50 19.69 -6.75 3.35
C TRP B 50 18.87 -5.86 4.27
N GLU B 51 17.60 -6.21 4.45
CA GLU B 51 16.69 -5.52 5.35
C GLU B 51 17.15 -5.61 6.82
N ILE B 52 17.58 -6.80 7.24
CA ILE B 52 18.11 -6.99 8.59
C ILE B 52 19.50 -6.34 8.76
N VAL B 53 20.38 -6.53 7.76
CA VAL B 53 21.71 -5.92 7.79
C VAL B 53 21.59 -4.39 7.81
N ASP B 54 20.64 -3.83 7.07
CA ASP B 54 20.32 -2.38 7.17
C ASP B 54 20.13 -1.80 8.59
N ASN B 55 19.52 -2.55 9.49
CA ASN B 55 19.33 -2.09 10.88
C ASN B 55 20.64 -2.08 11.66
N SER B 56 21.47 -3.09 11.42
CA SER B 56 22.79 -3.16 12.03
C SER B 56 23.61 -2.01 11.50
N ILE B 57 23.55 -1.74 10.19
CA ILE B 57 24.24 -0.57 9.61
C ILE B 57 23.77 0.75 10.27
N ASP B 58 22.45 0.91 10.51
CA ASP B 58 21.95 2.12 11.23
C ASP B 58 22.56 2.20 12.62
N GLU B 59 22.69 1.02 13.27
CA GLU B 59 23.23 0.97 14.59
C GLU B 59 24.72 1.38 14.60
N ALA B 60 25.50 0.94 13.62
CA ALA B 60 26.88 1.50 13.39
C ALA B 60 26.85 2.99 13.07
N LEU B 61 26.04 3.38 12.08
CA LEU B 61 25.80 4.81 11.74
C LEU B 61 25.41 5.73 12.91
N ALA B 62 24.64 5.23 13.87
CA ALA B 62 24.37 5.97 15.12
C ALA B 62 25.56 6.00 16.15
N GLY B 63 26.68 5.35 15.83
CA GLY B 63 27.88 5.40 16.66
C GLY B 63 28.01 4.28 17.68
N TYR B 64 27.16 3.25 17.64
CA TYR B 64 27.15 2.23 18.73
C TYR B 64 27.71 0.85 18.38
N ALA B 65 27.56 0.39 17.14
CA ALA B 65 28.04 -0.92 16.70
C ALA B 65 29.26 -0.70 15.80
N ASN B 66 30.28 -1.55 15.97
CA ASN B 66 31.46 -1.60 15.05
C ASN B 66 31.83 -2.97 14.47
N GLN B 67 30.95 -3.98 14.65
CA GLN B 67 31.17 -5.38 14.29
C GLN B 67 29.82 -5.90 13.88
N ILE B 68 29.75 -6.41 12.64
CA ILE B 68 28.54 -7.00 12.06
C ILE B 68 28.98 -8.33 11.45
N GLU B 69 28.26 -9.40 11.71
CA GLU B 69 28.59 -10.70 11.20
C GLU B 69 27.32 -11.25 10.52
N VAL B 70 27.47 -11.80 9.31
CA VAL B 70 26.45 -12.56 8.63
C VAL B 70 26.89 -14.01 8.45
N VAL B 71 26.03 -14.95 8.87
CA VAL B 71 26.37 -16.35 8.78
C VAL B 71 25.24 -17.05 8.02
N ILE B 72 25.64 -17.81 7.00
CA ILE B 72 24.72 -18.69 6.29
C ILE B 72 24.90 -20.02 7.04
N GLU B 73 23.82 -20.40 7.70
CA GLU B 73 23.80 -21.57 8.57
C GLU B 73 23.15 -22.74 7.84
N LYS B 74 23.25 -23.89 8.50
CA LYS B 74 22.67 -25.15 8.04
C LYS B 74 21.23 -24.89 7.68
N ASP B 75 20.76 -25.56 6.62
CA ASP B 75 19.41 -25.43 6.11
C ASP B 75 19.03 -23.99 5.60
N ASN B 76 20.02 -23.19 5.23
CA ASN B 76 19.75 -21.79 4.78
C ASN B 76 18.95 -20.89 5.73
N TRP B 77 19.20 -21.10 7.01
CA TRP B 77 18.99 -20.07 7.98
C TRP B 77 20.05 -19.01 7.79
N ILE B 78 19.72 -17.75 8.12
CA ILE B 78 20.65 -16.63 8.13
C ILE B 78 20.70 -16.08 9.52
N LYS B 79 21.91 -15.84 10.02
CA LYS B 79 22.10 -15.19 11.31
C LYS B 79 22.84 -13.87 11.16
N VAL B 80 22.29 -12.78 11.68
CA VAL B 80 22.98 -11.46 11.66
C VAL B 80 23.16 -11.01 13.10
N THR B 81 24.31 -10.43 13.39
CA THR B 81 24.72 -10.06 14.74
C THR B 81 25.39 -8.67 14.63
N ASP B 82 24.98 -7.72 15.50
CA ASP B 82 25.76 -6.54 15.73
C ASP B 82 26.10 -6.43 17.21
N ASN B 83 27.18 -5.72 17.52
CA ASN B 83 27.52 -5.41 18.89
C ASN B 83 27.07 -4.00 19.33
N GLY B 84 25.91 -3.52 18.86
CA GLY B 84 25.35 -2.23 19.32
C GLY B 84 24.57 -2.33 20.60
N ARG B 85 23.56 -1.49 20.76
CA ARG B 85 22.88 -1.36 22.08
C ARG B 85 21.83 -2.47 22.39
N GLY B 86 21.42 -3.22 21.37
CA GLY B 86 20.30 -4.18 21.49
C GLY B 86 18.98 -3.50 21.29
N ILE B 87 18.08 -4.14 20.54
CA ILE B 87 16.73 -3.66 20.38
C ILE B 87 16.06 -3.42 21.75
N PRO B 88 15.45 -2.24 21.95
CA PRO B 88 14.82 -1.98 23.23
C PRO B 88 13.79 -3.04 23.64
N VAL B 89 13.79 -3.36 24.93
CA VAL B 89 12.83 -4.34 25.49
C VAL B 89 11.74 -3.74 26.42
N ASP B 90 11.80 -2.41 26.68
CA ASP B 90 10.86 -1.70 27.57
CA ASP B 90 10.85 -1.68 27.57
C ASP B 90 9.40 -1.80 27.11
N ILE B 91 8.48 -1.87 28.07
CA ILE B 91 7.07 -2.05 27.78
C ILE B 91 6.55 -0.71 27.27
N GLN B 92 5.54 -0.78 26.42
CA GLN B 92 4.91 0.39 25.77
C GLN B 92 3.55 0.77 26.40
N GLY B 96 1.10 -2.10 25.41
CA GLY B 96 1.31 -3.00 26.55
C GLY B 96 2.25 -4.18 26.28
N ARG B 97 3.08 -4.12 25.24
CA ARG B 97 4.02 -5.20 24.88
C ARG B 97 5.47 -4.66 24.84
N PRO B 98 6.48 -5.51 25.04
CA PRO B 98 7.85 -4.98 24.80
C PRO B 98 8.10 -4.36 23.41
N ALA B 99 8.90 -3.33 23.38
CA ALA B 99 9.30 -2.68 22.16
C ALA B 99 9.77 -3.67 21.06
N VAL B 100 10.68 -4.60 21.40
CA VAL B 100 11.18 -5.60 20.42
C VAL B 100 10.05 -6.39 19.74
N GLU B 101 9.10 -6.88 20.54
CA GLU B 101 7.94 -7.60 19.98
C GLU B 101 7.07 -6.70 19.08
N VAL B 102 6.91 -5.43 19.46
CA VAL B 102 6.10 -4.51 18.66
C VAL B 102 6.77 -4.30 17.30
N ILE B 103 8.10 -4.06 17.33
CA ILE B 103 8.89 -3.88 16.13
C ILE B 103 8.85 -5.09 15.23
N LEU B 104 9.09 -6.27 15.79
CA LEU B 104 9.16 -7.49 15.00
C LEU B 104 7.80 -8.00 14.51
N THR B 105 6.69 -7.62 15.16
CA THR B 105 5.36 -8.07 14.67
C THR B 105 4.83 -7.08 13.67
N SER B 106 5.59 -6.04 13.31
CA SER B 106 5.59 -5.15 12.17
C SER B 106 6.67 -5.43 11.10
N SER B 107 7.33 -6.59 11.13
CA SER B 107 8.53 -6.80 10.35
C SER B 107 8.18 -7.60 9.11
N VAL B 108 8.59 -7.05 7.98
CA VAL B 108 8.38 -7.71 6.68
C VAL B 108 9.15 -9.02 6.65
N VAL B 109 10.42 -8.98 7.10
CA VAL B 109 11.24 -10.15 7.09
C VAL B 109 10.61 -11.24 7.98
N ASN B 110 10.13 -10.84 9.16
CA ASN B 110 9.53 -11.77 10.11
C ASN B 110 8.28 -12.41 9.53
N ALA B 111 7.48 -11.60 8.88
CA ALA B 111 6.25 -12.05 8.23
C ALA B 111 6.54 -13.08 7.12
N LEU B 112 7.55 -12.79 6.32
CA LEU B 112 8.05 -13.72 5.29
C LEU B 112 9.00 -14.86 5.75
N SER B 113 9.23 -15.05 7.05
CA SER B 113 10.01 -16.17 7.57
C SER B 113 9.12 -17.25 8.18
N GLN B 114 9.40 -18.53 7.89
CA GLN B 114 8.66 -19.62 8.54
C GLN B 114 9.00 -19.75 10.03
N ASP B 115 10.21 -19.32 10.38
CA ASP B 115 10.67 -19.19 11.77
C ASP B 115 11.62 -18.02 11.85
N LEU B 116 11.51 -17.25 12.93
CA LEU B 116 12.50 -16.20 13.20
C LEU B 116 12.72 -16.15 14.73
N GLU B 117 13.97 -15.96 15.15
CA GLU B 117 14.34 -15.80 16.57
C GLU B 117 15.16 -14.53 16.71
N VAL B 118 15.02 -13.89 17.87
CA VAL B 118 15.80 -12.73 18.28
C VAL B 118 16.42 -13.03 19.67
N TYR B 119 17.68 -12.63 19.81
CA TYR B 119 18.35 -12.56 21.09
C TYR B 119 18.85 -11.14 21.26
N VAL B 120 18.54 -10.49 22.37
CA VAL B 120 19.04 -9.14 22.65
C VAL B 120 19.90 -9.23 23.90
N HIS B 121 21.09 -8.63 23.82
CA HIS B 121 21.97 -8.46 24.92
C HIS B 121 21.89 -6.98 25.31
N ARG B 122 21.36 -6.74 26.50
CA ARG B 122 20.98 -5.41 26.94
C ARG B 122 20.66 -5.53 28.44
N ASN B 123 20.87 -4.45 29.17
CA ASN B 123 20.75 -4.46 30.64
C ASN B 123 21.41 -5.67 31.29
N GLU B 124 22.59 -6.06 30.85
CA GLU B 124 23.30 -7.21 31.44
C GLU B 124 22.54 -8.57 31.30
N THR B 125 21.52 -8.62 30.44
CA THR B 125 20.56 -9.74 30.34
C THR B 125 20.48 -10.19 28.88
N ILE B 126 20.16 -11.47 28.65
CA ILE B 126 19.91 -11.98 27.31
C ILE B 126 18.39 -12.23 27.28
N TYR B 127 17.68 -11.55 26.39
CA TYR B 127 16.26 -11.78 26.15
C TYR B 127 16.09 -12.50 24.83
N HIS B 128 15.03 -13.32 24.74
CA HIS B 128 14.79 -14.16 23.57
C HIS B 128 13.28 -14.24 23.30
N GLN B 129 12.89 -14.11 22.02
CA GLN B 129 11.56 -14.43 21.52
C GLN B 129 11.70 -15.15 20.17
N ALA B 130 10.76 -16.04 19.88
CA ALA B 130 10.65 -16.70 18.61
C ALA B 130 9.27 -16.41 17.96
N TYR B 131 9.21 -16.45 16.62
CA TYR B 131 8.00 -16.30 15.84
C TYR B 131 7.95 -17.39 14.77
N LYS B 132 6.75 -17.67 14.27
CA LYS B 132 6.52 -18.46 13.04
C LYS B 132 5.60 -17.62 12.17
N LYS B 133 5.97 -17.38 10.91
CA LYS B 133 5.18 -16.54 9.99
C LYS B 133 4.73 -15.23 10.64
N GLY B 134 5.62 -14.63 11.43
CA GLY B 134 5.36 -13.33 12.08
C GLY B 134 4.64 -13.32 13.43
N VAL B 135 4.11 -14.48 13.84
CA VAL B 135 3.33 -14.66 15.06
C VAL B 135 4.24 -15.12 16.23
N PRO B 136 4.28 -14.34 17.33
CA PRO B 136 5.02 -14.72 18.55
C PRO B 136 4.63 -16.08 19.09
N GLN B 137 5.60 -16.97 19.24
CA GLN B 137 5.35 -18.29 19.81
C GLN B 137 5.27 -18.32 21.32
N PHE B 138 5.88 -17.36 21.97
CA PHE B 138 5.83 -17.23 23.41
C PHE B 138 6.20 -15.80 23.72
N ASP B 139 6.05 -15.39 24.97
CA ASP B 139 6.33 -14.00 25.36
C ASP B 139 7.87 -13.81 25.41
N LEU B 140 8.35 -12.59 25.19
CA LEU B 140 9.78 -12.30 25.39
C LEU B 140 10.20 -12.75 26.80
N LYS B 141 11.33 -13.42 26.95
CA LYS B 141 11.72 -13.97 28.24
C LYS B 141 13.23 -13.89 28.44
N GLU B 142 13.69 -13.77 29.69
CA GLU B 142 15.13 -13.76 29.97
C GLU B 142 15.63 -15.19 29.94
N VAL B 143 16.79 -15.33 29.29
CA VAL B 143 17.44 -16.62 29.03
C VAL B 143 18.95 -16.57 29.37
N GLY B 144 19.43 -15.59 30.12
CA GLY B 144 20.83 -15.64 30.52
C GLY B 144 21.30 -14.29 30.95
N THR B 145 22.60 -14.22 31.26
CA THR B 145 23.29 -13.01 31.75
C THR B 145 24.38 -12.70 30.72
N THR B 146 24.76 -11.44 30.57
CA THR B 146 25.81 -11.07 29.63
C THR B 146 26.49 -9.78 30.09
N ASP B 147 27.74 -9.58 29.67
CA ASP B 147 28.46 -8.31 29.85
C ASP B 147 28.70 -7.59 28.50
N LYS B 148 27.99 -8.06 27.48
CA LYS B 148 28.05 -7.51 26.14
C LYS B 148 26.69 -6.93 25.83
N THR B 149 26.62 -6.13 24.78
CA THR B 149 25.38 -5.60 24.23
C THR B 149 25.31 -5.88 22.76
N GLY B 150 24.10 -5.99 22.24
CA GLY B 150 23.89 -6.22 20.81
C GLY B 150 22.65 -6.99 20.53
N THR B 151 22.45 -7.37 19.27
CA THR B 151 21.23 -8.06 18.76
C THR B 151 21.66 -9.19 17.83
N VAL B 152 20.95 -10.32 17.93
CA VAL B 152 21.09 -11.44 17.03
C VAL B 152 19.72 -11.70 16.46
N ILE B 153 19.59 -11.75 15.14
CA ILE B 153 18.38 -12.22 14.44
C ILE B 153 18.82 -13.41 13.59
N ARG B 154 18.17 -14.56 13.82
CA ARG B 154 18.25 -15.77 13.01
C ARG B 154 16.90 -15.94 12.32
N PHE B 155 16.89 -16.16 11.01
CA PHE B 155 15.62 -16.45 10.35
C PHE B 155 15.75 -17.45 9.25
N LYS B 156 14.63 -18.17 9.00
CA LYS B 156 14.54 -19.12 7.90
C LYS B 156 13.41 -18.68 7.01
N ALA B 157 13.75 -18.25 5.78
CA ALA B 157 12.76 -17.83 4.79
C ALA B 157 11.71 -18.92 4.55
N ASP B 158 10.48 -18.49 4.34
CA ASP B 158 9.29 -19.39 4.29
C ASP B 158 9.25 -19.99 2.89
N GLY B 159 9.40 -21.30 2.80
CA GLY B 159 9.37 -22.02 1.52
C GLY B 159 8.04 -21.93 0.79
N GLU B 160 6.95 -21.87 1.55
CA GLU B 160 5.59 -21.68 0.98
C GLU B 160 5.49 -20.41 0.14
N ILE B 161 6.31 -19.43 0.47
CA ILE B 161 6.37 -18.17 -0.27
C ILE B 161 7.53 -18.15 -1.29
N PHE B 162 8.74 -18.55 -0.87
CA PHE B 162 9.94 -18.50 -1.73
C PHE B 162 10.11 -19.81 -2.46
N THR B 163 9.27 -20.01 -3.49
CA THR B 163 9.09 -21.34 -4.16
C THR B 163 10.14 -21.67 -5.24
N GLU B 164 10.79 -20.65 -5.80
CA GLU B 164 11.82 -20.82 -6.82
C GLU B 164 13.19 -21.26 -6.22
N THR B 165 13.58 -20.63 -5.11
CA THR B 165 14.76 -21.04 -4.34
C THR B 165 14.78 -20.48 -2.89
N THR B 166 15.26 -21.32 -1.96
CA THR B 166 15.57 -20.86 -0.60
C THR B 166 17.08 -20.96 -0.28
N VAL B 167 17.90 -21.05 -1.33
CA VAL B 167 19.36 -21.26 -1.21
C VAL B 167 20.06 -19.92 -1.54
N TYR B 168 20.75 -19.38 -0.55
CA TYR B 168 21.55 -18.17 -0.70
C TYR B 168 22.78 -18.43 -1.59
N ASN B 169 23.30 -17.34 -2.17
CA ASN B 169 24.44 -17.40 -3.00
C ASN B 169 25.55 -16.65 -2.28
N TYR B 170 26.67 -17.33 -1.99
CA TYR B 170 27.73 -16.74 -1.16
C TYR B 170 28.31 -15.53 -1.84
N GLU B 171 28.59 -15.62 -3.13
CA GLU B 171 29.17 -14.51 -3.92
C GLU B 171 28.29 -13.28 -3.93
N THR B 172 27.00 -13.47 -4.12
CA THR B 172 26.02 -12.36 -4.04
C THR B 172 26.11 -11.62 -2.67
N LEU B 173 26.18 -12.41 -1.59
CA LEU B 173 26.31 -11.85 -0.23
C LEU B 173 27.68 -11.14 -0.11
N GLN B 174 28.73 -11.79 -0.59
CA GLN B 174 30.07 -11.27 -0.46
C GLN B 174 30.30 -9.90 -1.11
N GLN B 175 29.89 -9.77 -2.36
CA GLN B 175 30.02 -8.51 -3.11
C GLN B 175 29.30 -7.32 -2.42
N ARG B 176 28.08 -7.50 -1.93
CA ARG B 176 27.42 -6.44 -1.21
C ARG B 176 28.02 -6.08 0.17
N ILE B 177 28.45 -7.09 0.93
CA ILE B 177 29.08 -6.87 2.21
C ILE B 177 30.37 -6.08 2.05
N ARG B 178 31.17 -6.33 1.00
CA ARG B 178 32.39 -5.56 0.70
CA ARG B 178 32.40 -5.55 0.73
C ARG B 178 32.06 -4.08 0.38
N GLU B 179 31.02 -3.85 -0.40
CA GLU B 179 30.51 -2.47 -0.65
C GLU B 179 30.06 -1.76 0.62
N LEU B 180 29.22 -2.44 1.42
CA LEU B 180 28.84 -1.88 2.75
C LEU B 180 30.03 -1.56 3.68
N ALA B 181 31.03 -2.43 3.70
CA ALA B 181 32.20 -2.18 4.50
C ALA B 181 33.00 -0.97 3.98
N PHE B 182 33.06 -0.83 2.66
CA PHE B 182 33.77 0.27 2.01
C PHE B 182 33.09 1.64 2.23
N LEU B 183 31.77 1.63 2.21
CA LEU B 183 30.92 2.78 2.62
C LEU B 183 31.02 3.12 4.10
N ASN B 184 31.32 2.14 4.93
CA ASN B 184 31.29 2.26 6.40
C ASN B 184 32.62 1.85 7.04
N LYS B 185 33.59 2.72 6.82
CA LYS B 185 34.98 2.47 7.17
C LYS B 185 35.05 2.34 8.70
N GLY B 186 36.01 1.59 9.21
CA GLY B 186 36.06 1.31 10.65
C GLY B 186 35.07 0.28 11.20
N ILE B 187 34.11 -0.16 10.41
CA ILE B 187 33.17 -1.21 10.86
C ILE B 187 33.70 -2.51 10.28
N GLN B 188 33.72 -3.55 11.09
CA GLN B 188 34.12 -4.85 10.59
C GLN B 188 32.89 -5.66 10.24
N ILE B 189 32.78 -6.05 8.97
CA ILE B 189 31.71 -6.92 8.50
C ILE B 189 32.27 -8.27 8.01
N THR B 190 31.76 -9.35 8.60
CA THR B 190 32.28 -10.69 8.40
C THR B 190 31.13 -11.50 7.81
N LEU B 191 31.44 -12.22 6.72
CA LEU B 191 30.56 -13.17 6.08
C LEU B 191 31.16 -14.58 6.25
N ARG B 192 30.30 -15.55 6.51
CA ARG B 192 30.70 -16.92 6.78
C ARG B 192 29.63 -17.87 6.30
N ASP B 193 30.09 -18.95 5.67
CA ASP B 193 29.25 -20.02 5.17
C ASP B 193 29.55 -21.29 5.95
N GLU B 194 28.55 -21.73 6.71
CA GLU B 194 28.62 -22.86 7.63
C GLU B 194 27.69 -23.95 7.16
N ARG B 195 27.17 -23.84 5.95
CA ARG B 195 26.24 -24.85 5.44
C ARG B 195 26.90 -26.20 5.20
N ASP B 196 28.18 -26.19 4.81
CA ASP B 196 28.94 -27.45 4.67
C ASP B 196 29.84 -27.48 5.92
N GLU B 197 29.40 -28.20 6.96
CA GLU B 197 30.18 -28.32 8.22
C GLU B 197 31.68 -28.76 8.07
N GLU B 198 31.99 -29.56 7.06
CA GLU B 198 33.38 -29.99 6.77
C GLU B 198 34.24 -29.01 5.95
N ASN B 199 33.60 -27.98 5.36
CA ASN B 199 34.25 -26.99 4.53
CA ASN B 199 34.26 -26.97 4.52
C ASN B 199 33.63 -25.62 4.82
N VAL B 200 34.18 -24.93 5.83
CA VAL B 200 33.65 -23.64 6.26
C VAL B 200 34.53 -22.58 5.66
N ARG B 201 33.89 -21.54 5.17
CA ARG B 201 34.59 -20.45 4.56
C ARG B 201 34.16 -19.11 5.13
N GLU B 202 35.10 -18.17 5.16
CA GLU B 202 34.81 -16.89 5.74
C GLU B 202 35.65 -15.79 5.10
N ASP B 203 35.00 -14.62 4.94
CA ASP B 203 35.60 -13.35 4.55
C ASP B 203 35.24 -12.29 5.52
N SER B 204 36.21 -11.50 5.90
CA SER B 204 36.04 -10.44 6.87
C SER B 204 36.66 -9.17 6.29
N TYR B 205 35.83 -8.11 6.14
CA TYR B 205 36.23 -6.79 5.63
C TYR B 205 36.27 -5.71 6.69
N HIS B 206 37.36 -4.96 6.72
CA HIS B 206 37.50 -3.84 7.65
C HIS B 206 38.34 -2.80 6.94
N TYR B 207 37.70 -1.78 6.38
CA TYR B 207 38.45 -0.72 5.68
C TYR B 207 38.92 0.34 6.66
N GLU B 208 40.13 0.84 6.43
CA GLU B 208 40.87 1.55 7.49
C GLU B 208 40.14 2.80 7.93
N GLY B 209 40.19 3.03 9.24
CA GLY B 209 39.31 3.95 9.95
C GLY B 209 39.05 3.37 11.34
N GLY B 210 38.37 4.13 12.19
CA GLY B 210 38.13 3.73 13.58
C GLY B 210 37.11 2.61 13.73
#